data_4YLY
#
_entry.id   4YLY
#
_cell.length_a   46.752
_cell.length_b   70.604
_cell.length_c   128.751
_cell.angle_alpha   90.00
_cell.angle_beta   90.00
_cell.angle_gamma   90.00
#
_symmetry.space_group_name_H-M   'P 21 21 21'
#
loop_
_entity.id
_entity.type
_entity.pdbx_description
1 polymer 'Peptidyl-tRNA hydrolase'
2 non-polymer GLYCEROL
3 water water
#
_entity_poly.entity_id   1
_entity_poly.type   'polypeptide(L)'
_entity_poly.pdbx_seq_one_letter_code
;MKCIVGLGNIGKRFELTRHNIGFEVVDYILEKNNFSLDKQKFKGAYTIERMNGDKVLFIEPMTMMNLSGEAVAPIMDYYN
VNPEDLIVLYDDLDLEQGQVRLRQKGSAGGHNGMKSIIKMLGTDQFKRIRIGVGRPTNGMTVPDYVLQRFSNDEMVTMEK
VIEHAARAIEKFVETSRFDHVMNEFNGEVKLEHHHHHH
;
_entity_poly.pdbx_strand_id   A,B
#
# COMPACT_ATOMS: atom_id res chain seq x y z
N MET A 1 25.37 -8.41 -14.29
CA MET A 1 24.43 -7.81 -15.29
C MET A 1 23.18 -7.23 -14.62
N LYS A 2 22.97 -5.94 -14.81
CA LYS A 2 21.79 -5.27 -14.30
C LYS A 2 20.61 -5.61 -15.22
N CYS A 3 19.43 -5.63 -14.64
CA CYS A 3 18.23 -5.83 -15.39
C CYS A 3 17.34 -4.59 -15.18
N ILE A 4 17.13 -3.83 -16.25
CA ILE A 4 16.25 -2.65 -16.22
C ILE A 4 14.91 -3.03 -16.82
N VAL A 5 13.86 -2.95 -16.01
CA VAL A 5 12.50 -3.24 -16.47
C VAL A 5 11.65 -1.98 -16.50
N GLY A 6 11.00 -1.75 -17.64
CA GLY A 6 10.05 -0.66 -17.80
C GLY A 6 8.69 -1.30 -17.83
N LEU A 7 7.78 -0.80 -17.00
CA LEU A 7 6.42 -1.33 -16.91
C LEU A 7 5.45 -0.53 -17.76
N GLY A 8 4.47 -1.22 -18.30
CA GLY A 8 3.56 -0.61 -19.28
C GLY A 8 2.71 -1.62 -20.04
N ASN A 9 1.88 -1.09 -20.93
CA ASN A 9 1.03 -1.91 -21.76
C ASN A 9 1.44 -1.74 -23.21
N ILE A 10 1.43 -2.85 -23.93
CA ILE A 10 1.79 -2.93 -25.34
C ILE A 10 0.61 -2.46 -26.14
N GLY A 11 0.88 -1.81 -27.25
CA GLY A 11 -0.14 -1.39 -28.20
C GLY A 11 -0.02 0.10 -28.45
N LYS A 12 -0.35 0.55 -29.65
CA LYS A 12 -0.31 1.96 -30.00
C LYS A 12 -1.26 2.85 -29.15
N ARG A 13 -2.44 2.35 -28.79
CA ARG A 13 -3.36 3.15 -27.99
C ARG A 13 -2.93 3.35 -26.54
N PHE A 14 -1.89 2.64 -26.08
CA PHE A 14 -1.31 2.90 -24.76
C PHE A 14 -0.07 3.75 -24.80
N GLU A 15 0.29 4.22 -25.99
CA GLU A 15 1.46 5.08 -26.10
C GLU A 15 1.31 6.38 -25.34
N LEU A 16 2.37 6.74 -24.65
CA LEU A 16 2.43 7.90 -23.78
C LEU A 16 1.29 8.02 -22.76
N THR A 17 0.70 6.91 -22.33
CA THR A 17 -0.31 6.95 -21.30
C THR A 17 0.40 6.97 -19.96
N ARG A 18 -0.32 7.33 -18.91
CA ARG A 18 0.35 7.62 -17.64
C ARG A 18 1.00 6.35 -17.06
N HIS A 19 0.25 5.26 -17.15
CA HIS A 19 0.69 3.90 -16.84
C HIS A 19 1.87 3.33 -17.66
N ASN A 20 2.27 4.01 -18.75
CA ASN A 20 3.42 3.61 -19.57
C ASN A 20 4.69 4.43 -19.35
N ILE A 21 4.71 5.21 -18.29
CA ILE A 21 5.87 6.03 -18.05
C ILE A 21 7.14 5.19 -17.94
N GLY A 22 7.07 3.99 -17.37
CA GLY A 22 8.21 3.06 -17.37
C GLY A 22 8.75 2.75 -18.76
N PHE A 23 7.86 2.32 -19.66
CA PHE A 23 8.20 2.14 -21.10
C PHE A 23 8.90 3.35 -21.68
N GLU A 24 8.37 4.55 -21.41
CA GLU A 24 8.95 5.78 -22.00
C GLU A 24 10.37 5.99 -21.55
N VAL A 25 10.67 5.67 -20.29
CA VAL A 25 12.04 5.88 -19.81
C VAL A 25 12.96 4.88 -20.50
N VAL A 26 12.53 3.63 -20.58
CA VAL A 26 13.39 2.64 -21.26
C VAL A 26 13.52 2.98 -22.74
N ASP A 27 12.43 3.40 -23.38
CA ASP A 27 12.50 3.78 -24.80
C ASP A 27 13.49 4.91 -25.02
N TYR A 28 13.49 5.89 -24.12
CA TYR A 28 14.46 6.99 -24.19
C TYR A 28 15.92 6.51 -24.05
N ILE A 29 16.19 5.62 -23.11
CA ILE A 29 17.55 5.11 -22.92
C ILE A 29 18.01 4.34 -24.16
N LEU A 30 17.09 3.60 -24.78
CA LEU A 30 17.41 2.79 -25.95
C LEU A 30 17.71 3.66 -27.18
N GLU A 31 16.85 4.65 -27.45
CA GLU A 31 17.04 5.59 -28.58
C GLU A 31 18.31 6.44 -28.42
N LYS A 32 18.56 6.93 -27.21
CA LYS A 32 19.77 7.70 -26.93
C LYS A 32 21.08 6.92 -27.17
N ASN A 33 21.06 5.61 -26.95
CA ASN A 33 22.24 4.73 -27.14
C ASN A 33 22.14 3.91 -28.43
N ASN A 34 21.16 4.22 -29.25
CA ASN A 34 20.88 3.50 -30.49
C ASN A 34 20.75 1.98 -30.30
N PHE A 35 19.95 1.59 -29.31
CA PHE A 35 19.61 0.19 -29.06
C PHE A 35 18.17 -0.07 -29.46
N SER A 36 17.77 -1.33 -29.50
CA SER A 36 16.35 -1.66 -29.70
C SER A 36 16.01 -2.99 -29.05
N LEU A 37 14.75 -3.14 -28.65
CA LEU A 37 14.27 -4.39 -28.12
C LEU A 37 14.05 -5.36 -29.27
N ASP A 38 15.10 -6.11 -29.58
CA ASP A 38 15.18 -6.94 -30.78
C ASP A 38 14.89 -8.40 -30.54
N LYS A 39 14.80 -8.81 -29.28
CA LYS A 39 14.54 -10.20 -28.93
C LYS A 39 13.23 -10.26 -28.21
N GLN A 40 12.66 -11.45 -28.18
CA GLN A 40 11.46 -11.67 -27.43
C GLN A 40 11.58 -13.01 -26.77
N LYS A 41 11.13 -13.11 -25.52
CA LYS A 41 11.06 -14.42 -24.88
C LYS A 41 10.15 -14.38 -23.66
N PHE A 42 9.38 -15.45 -23.46
CA PHE A 42 8.41 -15.53 -22.38
C PHE A 42 7.54 -14.28 -22.35
N LYS A 43 7.10 -13.82 -23.53
CA LYS A 43 6.25 -12.62 -23.70
C LYS A 43 6.88 -11.32 -23.15
N GLY A 44 8.20 -11.22 -23.22
CA GLY A 44 8.93 -10.04 -22.80
C GLY A 44 9.80 -9.59 -23.98
N ALA A 45 9.76 -8.30 -24.30
CA ALA A 45 10.64 -7.74 -25.29
C ALA A 45 11.87 -7.37 -24.53
N TYR A 46 13.03 -7.70 -25.08
CA TYR A 46 14.27 -7.40 -24.39
C TYR A 46 15.43 -7.21 -25.34
N THR A 47 16.54 -6.78 -24.78
CA THR A 47 17.81 -6.72 -25.48
C THR A 47 18.91 -6.72 -24.45
N ILE A 48 20.06 -7.21 -24.90
CA ILE A 48 21.26 -7.28 -24.09
C ILE A 48 22.33 -6.50 -24.81
N GLU A 49 22.76 -5.40 -24.22
CA GLU A 49 23.63 -4.47 -24.90
C GLU A 49 24.70 -3.98 -23.95
N ARG A 50 25.86 -3.69 -24.51
CA ARG A 50 26.99 -3.15 -23.77
C ARG A 50 26.88 -1.64 -23.78
N MET A 51 27.09 -1.05 -22.62
CA MET A 51 26.76 0.34 -22.36
C MET A 51 27.71 0.82 -21.28
N ASN A 52 28.72 1.60 -21.67
CA ASN A 52 29.85 1.95 -20.81
C ASN A 52 30.73 0.72 -20.50
N GLY A 53 30.82 -0.20 -21.46
CA GLY A 53 31.62 -1.43 -21.27
C GLY A 53 30.96 -2.50 -20.41
N ASP A 54 29.69 -2.31 -20.08
CA ASP A 54 28.99 -3.23 -19.20
C ASP A 54 27.72 -3.76 -19.90
N LYS A 55 27.56 -5.08 -19.90
CA LYS A 55 26.36 -5.70 -20.45
C LYS A 55 25.19 -5.38 -19.51
N VAL A 56 24.06 -4.98 -20.10
CA VAL A 56 22.82 -4.64 -19.39
C VAL A 56 21.67 -5.29 -20.14
N LEU A 57 20.74 -5.85 -19.39
CA LEU A 57 19.51 -6.46 -19.90
C LEU A 57 18.35 -5.47 -19.71
N PHE A 58 17.64 -5.15 -20.80
CA PHE A 58 16.47 -4.27 -20.75
C PHE A 58 15.27 -5.11 -21.08
N ILE A 59 14.17 -4.92 -20.36
CA ILE A 59 12.94 -5.64 -20.63
C ILE A 59 11.70 -4.75 -20.57
N GLU A 60 10.83 -4.89 -21.56
CA GLU A 60 9.47 -4.38 -21.53
C GLU A 60 8.51 -5.55 -21.69
N PRO A 61 7.73 -5.86 -20.65
CA PRO A 61 6.83 -7.02 -20.75
C PRO A 61 5.71 -6.81 -21.76
N MET A 62 5.35 -7.87 -22.48
CA MET A 62 4.31 -7.80 -23.53
C MET A 62 3.07 -8.49 -23.07
N THR A 63 3.10 -8.91 -21.82
CA THR A 63 1.94 -9.37 -21.12
C THR A 63 1.22 -8.04 -21.04
N MET A 64 0.09 -7.95 -20.41
CA MET A 64 -0.38 -6.60 -20.05
C MET A 64 0.14 -6.24 -18.64
N MET A 65 -0.12 -5.02 -18.14
CA MET A 65 0.49 -4.55 -16.88
C MET A 65 0.30 -5.54 -15.75
N ASN A 66 -0.95 -5.95 -15.54
CA ASN A 66 -1.30 -6.82 -14.42
C ASN A 66 -0.61 -8.19 -14.42
N LEU A 67 0.04 -8.55 -15.53
CA LEU A 67 0.66 -9.86 -15.67
C LEU A 67 2.16 -9.73 -15.90
N SER A 68 2.70 -8.55 -15.65
CA SER A 68 4.11 -8.23 -15.91
C SER A 68 5.15 -9.26 -15.43
N GLY A 69 4.93 -9.78 -14.24
CA GLY A 69 5.82 -10.74 -13.62
C GLY A 69 6.03 -12.05 -14.40
N GLU A 70 5.09 -12.42 -15.27
CA GLU A 70 5.21 -13.70 -15.97
C GLU A 70 6.15 -13.67 -17.17
N ALA A 71 6.58 -12.46 -17.54
CA ALA A 71 7.67 -12.26 -18.47
C ALA A 71 8.94 -12.02 -17.68
N VAL A 72 8.91 -11.06 -16.76
CA VAL A 72 10.11 -10.68 -16.00
C VAL A 72 10.76 -11.82 -15.21
N ALA A 73 9.98 -12.62 -14.50
CA ALA A 73 10.55 -13.67 -13.64
C ALA A 73 11.33 -14.74 -14.42
N PRO A 74 10.73 -15.32 -15.47
CA PRO A 74 11.46 -16.33 -16.24
C PRO A 74 12.62 -15.81 -17.09
N ILE A 75 12.54 -14.57 -17.61
CA ILE A 75 13.69 -13.98 -18.29
C ILE A 75 14.83 -13.75 -17.30
N MET A 76 14.52 -13.32 -16.09
CA MET A 76 15.56 -13.20 -15.06
C MET A 76 16.16 -14.55 -14.70
N ASP A 77 15.31 -15.57 -14.60
CA ASP A 77 15.79 -16.91 -14.27
C ASP A 77 16.70 -17.45 -15.38
N TYR A 78 16.28 -17.29 -16.64
CA TYR A 78 17.06 -17.73 -17.79
C TYR A 78 18.46 -17.11 -17.82
N TYR A 79 18.54 -15.82 -17.54
CA TYR A 79 19.84 -15.13 -17.52
C TYR A 79 20.47 -15.06 -16.12
N ASN A 80 20.05 -15.93 -15.21
CA ASN A 80 20.46 -15.91 -13.78
C ASN A 80 20.66 -14.52 -13.15
N VAL A 81 19.64 -13.67 -13.23
CA VAL A 81 19.71 -12.36 -12.59
C VAL A 81 19.16 -12.49 -11.15
N ASN A 82 19.91 -12.00 -10.18
CA ASN A 82 19.38 -11.86 -8.83
C ASN A 82 18.44 -10.64 -8.74
N PRO A 83 17.41 -10.70 -7.89
CA PRO A 83 16.60 -9.51 -7.59
C PRO A 83 17.41 -8.27 -7.18
N GLU A 84 18.58 -8.48 -6.56
CA GLU A 84 19.55 -7.41 -6.26
C GLU A 84 19.88 -6.53 -7.46
N ASP A 85 19.90 -7.14 -8.63
CA ASP A 85 20.34 -6.47 -9.83
C ASP A 85 19.20 -5.99 -10.74
N LEU A 86 17.98 -6.13 -10.24
CA LEU A 86 16.82 -5.66 -10.93
C LEU A 86 16.50 -4.23 -10.51
N ILE A 87 16.19 -3.38 -11.48
CA ILE A 87 15.56 -2.13 -11.18
C ILE A 87 14.31 -1.96 -12.06
N VAL A 88 13.19 -1.62 -11.41
CA VAL A 88 11.91 -1.46 -12.10
C VAL A 88 11.47 0.00 -12.14
N LEU A 89 11.05 0.47 -13.32
CA LEU A 89 10.58 1.82 -13.54
C LEU A 89 9.07 1.83 -13.71
N TYR A 90 8.36 2.62 -12.92
CA TYR A 90 6.91 2.66 -13.01
C TYR A 90 6.28 3.93 -12.47
N ASP A 91 5.01 4.09 -12.81
CA ASP A 91 4.22 5.25 -12.47
C ASP A 91 3.69 5.20 -11.04
N ASP A 92 3.81 6.32 -10.33
CA ASP A 92 3.29 6.44 -8.96
C ASP A 92 2.24 7.54 -8.87
N LEU A 93 1.00 7.13 -8.60
CA LEU A 93 -0.10 8.08 -8.34
C LEU A 93 0.10 9.03 -7.15
N ASP A 94 0.81 8.58 -6.12
CA ASP A 94 0.97 9.36 -4.87
C ASP A 94 2.19 10.26 -4.86
N LEU A 95 2.85 10.37 -6.01
CA LEU A 95 3.84 11.40 -6.22
C LEU A 95 3.32 12.29 -7.31
N GLU A 96 3.67 13.55 -7.18
CA GLU A 96 3.30 14.58 -8.14
C GLU A 96 4.25 14.54 -9.31
N GLN A 97 3.76 14.99 -10.46
CA GLN A 97 4.55 15.15 -11.68
C GLN A 97 5.73 16.05 -11.39
N GLY A 98 6.93 15.53 -11.65
CA GLY A 98 8.13 16.22 -11.30
C GLY A 98 8.93 15.47 -10.26
N GLN A 99 8.25 14.66 -9.45
CA GLN A 99 8.87 13.90 -8.36
C GLN A 99 9.28 12.49 -8.82
N VAL A 100 10.44 12.03 -8.35
CA VAL A 100 10.82 10.63 -8.46
C VAL A 100 11.36 10.17 -7.12
N ARG A 101 11.06 8.92 -6.77
CA ARG A 101 11.66 8.28 -5.62
C ARG A 101 12.36 6.98 -6.06
N LEU A 102 13.60 6.84 -5.65
CA LEU A 102 14.39 5.63 -5.86
C LEU A 102 14.52 4.89 -4.55
N ARG A 103 14.18 3.60 -4.55
CA ARG A 103 14.28 2.76 -3.35
C ARG A 103 14.95 1.41 -3.61
N GLN A 104 15.60 0.89 -2.56
CA GLN A 104 16.33 -0.37 -2.61
C GLN A 104 15.35 -1.55 -2.61
N LYS A 105 14.19 -1.37 -2.00
CA LYS A 105 13.24 -2.46 -1.82
C LYS A 105 11.87 -1.96 -1.36
N GLY A 106 10.91 -2.88 -1.24
CA GLY A 106 9.65 -2.60 -0.54
C GLY A 106 8.36 -2.90 -1.31
N SER A 107 7.25 -2.43 -0.76
CA SER A 107 5.91 -2.73 -1.22
C SER A 107 5.60 -2.16 -2.62
N ALA A 108 4.64 -2.76 -3.32
CA ALA A 108 4.14 -2.24 -4.59
C ALA A 108 3.32 -0.95 -4.44
N GLY A 109 2.88 -0.64 -3.23
CA GLY A 109 1.94 0.48 -3.02
C GLY A 109 0.70 0.38 -3.90
N GLY A 110 0.21 -0.84 -4.12
CA GLY A 110 -1.04 -1.10 -4.88
C GLY A 110 -0.95 -1.04 -6.40
N HIS A 111 0.25 -0.86 -6.91
CA HIS A 111 0.49 -0.83 -8.35
C HIS A 111 0.53 -2.28 -8.85
N ASN A 112 -0.33 -2.60 -9.81
CA ASN A 112 -0.51 -3.99 -10.21
C ASN A 112 0.65 -4.65 -10.97
N GLY A 113 1.38 -3.88 -11.76
CA GLY A 113 2.60 -4.40 -12.34
C GLY A 113 3.66 -4.81 -11.29
N MET A 114 3.87 -3.97 -10.29
CA MET A 114 4.84 -4.27 -9.24
C MET A 114 4.37 -5.49 -8.44
N LYS A 115 3.05 -5.60 -8.23
CA LYS A 115 2.52 -6.71 -7.46
C LYS A 115 2.74 -8.04 -8.19
N SER A 116 2.57 -8.03 -9.52
CA SER A 116 2.77 -9.24 -10.31
C SER A 116 4.25 -9.64 -10.22
N ILE A 117 5.15 -8.66 -10.29
CA ILE A 117 6.58 -8.96 -10.21
C ILE A 117 6.98 -9.54 -8.85
N ILE A 118 6.52 -8.92 -7.77
CA ILE A 118 6.76 -9.42 -6.40
C ILE A 118 6.25 -10.85 -6.21
N LYS A 119 5.02 -11.10 -6.68
CA LYS A 119 4.43 -12.41 -6.64
C LYS A 119 5.28 -13.42 -7.44
N MET A 120 5.69 -13.08 -8.65
CA MET A 120 6.45 -14.02 -9.46
C MET A 120 7.87 -14.23 -8.97
N LEU A 121 8.54 -13.18 -8.50
CA LEU A 121 9.88 -13.36 -7.90
C LEU A 121 9.85 -13.96 -6.50
N GLY A 122 8.73 -13.82 -5.81
CA GLY A 122 8.61 -14.30 -4.43
C GLY A 122 9.36 -13.42 -3.45
N THR A 123 9.62 -12.17 -3.84
CA THR A 123 10.29 -11.19 -2.96
C THR A 123 10.02 -9.76 -3.44
N ASP A 124 10.15 -8.80 -2.51
CA ASP A 124 10.03 -7.38 -2.80
C ASP A 124 11.39 -6.67 -2.65
N GLN A 125 12.43 -7.50 -2.55
CA GLN A 125 13.78 -7.04 -2.32
C GLN A 125 14.45 -6.76 -3.65
N PHE A 126 13.95 -5.75 -4.35
CA PHE A 126 14.60 -5.31 -5.59
C PHE A 126 14.43 -3.81 -5.74
N LYS A 127 15.34 -3.20 -6.47
CA LYS A 127 15.32 -1.76 -6.65
C LYS A 127 14.18 -1.28 -7.58
N ARG A 128 13.72 -0.06 -7.31
CA ARG A 128 12.70 0.59 -8.11
C ARG A 128 12.88 2.09 -8.18
N ILE A 129 12.35 2.66 -9.26
CA ILE A 129 12.22 4.09 -9.42
C ILE A 129 10.74 4.37 -9.60
N ARG A 130 10.13 5.01 -8.62
CA ARG A 130 8.74 5.43 -8.72
C ARG A 130 8.72 6.79 -9.38
N ILE A 131 7.94 6.90 -10.44
CA ILE A 131 7.86 8.15 -11.20
C ILE A 131 6.52 8.77 -10.97
N GLY A 132 6.50 9.98 -10.44
CA GLY A 132 5.23 10.67 -10.15
C GLY A 132 4.42 10.98 -11.41
N VAL A 133 3.15 10.61 -11.37
CA VAL A 133 2.22 10.99 -12.41
C VAL A 133 0.99 11.72 -11.89
N GLY A 134 0.93 11.96 -10.60
CA GLY A 134 -0.17 12.73 -10.01
C GLY A 134 -1.43 11.91 -9.85
N ARG A 135 -2.41 12.50 -9.18
CA ARG A 135 -3.75 11.94 -9.04
C ARG A 135 -4.71 12.64 -9.96
N PRO A 136 -5.87 12.03 -10.24
CA PRO A 136 -6.89 12.76 -10.97
C PRO A 136 -7.64 13.69 -10.02
N THR A 137 -7.82 14.94 -10.44
CA THR A 137 -8.44 15.96 -9.59
C THR A 137 -9.86 16.36 -10.08
N ASN A 138 -10.40 15.61 -11.04
CA ASN A 138 -11.70 15.93 -11.66
C ASN A 138 -12.64 14.72 -11.80
N GLY A 139 -12.59 13.81 -10.84
CA GLY A 139 -13.56 12.70 -10.76
C GLY A 139 -13.40 11.55 -11.74
N MET A 140 -12.32 11.54 -12.53
CA MET A 140 -11.92 10.35 -13.28
C MET A 140 -11.64 9.22 -12.32
N THR A 141 -12.03 8.01 -12.70
CA THR A 141 -11.56 6.84 -11.98
C THR A 141 -10.04 6.71 -12.23
N VAL A 142 -9.37 6.01 -11.34
CA VAL A 142 -7.94 5.78 -11.46
C VAL A 142 -7.56 5.01 -12.75
N PRO A 143 -8.29 3.91 -13.07
CA PRO A 143 -8.03 3.18 -14.31
C PRO A 143 -8.09 4.06 -15.56
N ASP A 144 -9.16 4.84 -15.70
CA ASP A 144 -9.25 5.74 -16.83
C ASP A 144 -8.14 6.78 -16.85
N TYR A 145 -7.75 7.28 -15.68
CA TYR A 145 -6.66 8.28 -15.57
C TYR A 145 -5.28 7.72 -16.01
N VAL A 146 -4.95 6.51 -15.58
CA VAL A 146 -3.63 5.96 -15.88
C VAL A 146 -3.54 5.45 -17.33
N LEU A 147 -4.68 5.06 -17.89
CA LEU A 147 -4.74 4.64 -19.29
C LEU A 147 -5.04 5.81 -20.23
N GLN A 148 -5.00 7.02 -19.73
CA GLN A 148 -5.13 8.17 -20.61
C GLN A 148 -3.74 8.73 -20.93
N ARG A 149 -3.63 9.27 -22.12
CA ARG A 149 -2.45 9.94 -22.64
C ARG A 149 -2.08 11.18 -21.84
N PHE A 150 -0.81 11.39 -21.57
CA PHE A 150 -0.34 12.70 -21.08
C PHE A 150 -0.66 13.84 -22.06
N SER A 151 -1.22 14.92 -21.56
CA SER A 151 -1.39 16.15 -22.32
C SER A 151 -0.03 16.79 -22.63
N ASN A 152 -0.01 17.69 -23.62
CA ASN A 152 1.19 18.45 -23.93
C ASN A 152 1.67 19.33 -22.76
N ASP A 153 0.74 19.91 -22.00
CA ASP A 153 1.01 20.62 -20.73
C ASP A 153 1.70 19.67 -19.72
N GLU A 154 1.16 18.46 -19.52
CA GLU A 154 1.87 17.48 -18.66
C GLU A 154 3.29 17.19 -19.18
N MET A 155 3.45 17.05 -20.50
CA MET A 155 4.74 16.65 -21.07
C MET A 155 5.85 17.71 -20.92
N VAL A 156 5.50 18.97 -20.67
CA VAL A 156 6.47 20.03 -20.35
C VAL A 156 7.32 19.61 -19.13
N THR A 157 6.65 19.09 -18.12
CA THR A 157 7.36 18.51 -16.97
C THR A 157 7.84 17.06 -17.24
N MET A 158 7.00 16.21 -17.84
CA MET A 158 7.35 14.77 -17.91
C MET A 158 8.52 14.45 -18.84
N GLU A 159 8.74 15.27 -19.85
CA GLU A 159 9.92 15.09 -20.70
C GLU A 159 11.16 15.16 -19.86
N LYS A 160 11.22 16.18 -19.00
CA LYS A 160 12.40 16.37 -18.17
C LYS A 160 12.54 15.25 -17.14
N VAL A 161 11.40 14.80 -16.58
CA VAL A 161 11.38 13.64 -15.68
C VAL A 161 11.96 12.38 -16.33
N ILE A 162 11.53 12.09 -17.55
CA ILE A 162 12.04 10.96 -18.33
C ILE A 162 13.56 11.08 -18.44
N GLU A 163 14.05 12.28 -18.82
CA GLU A 163 15.50 12.53 -18.92
C GLU A 163 16.21 12.32 -17.61
N HIS A 164 15.60 12.78 -16.53
CA HIS A 164 16.17 12.63 -15.19
C HIS A 164 16.24 11.16 -14.77
N ALA A 165 15.19 10.40 -15.05
CA ALA A 165 15.19 9.00 -14.68
C ALA A 165 16.15 8.17 -15.56
N ALA A 166 16.26 8.52 -16.85
CA ALA A 166 17.20 7.84 -17.73
C ALA A 166 18.63 8.05 -17.19
N ARG A 167 18.96 9.28 -16.82
CA ARG A 167 20.28 9.58 -16.24
C ARG A 167 20.52 8.79 -14.93
N ALA A 168 19.48 8.62 -14.12
CA ALA A 168 19.62 7.81 -12.91
C ALA A 168 20.00 6.36 -13.25
N ILE A 169 19.32 5.79 -14.24
CA ILE A 169 19.66 4.43 -14.71
C ILE A 169 21.08 4.39 -15.24
N GLU A 170 21.43 5.38 -16.05
CA GLU A 170 22.74 5.42 -16.73
C GLU A 170 23.86 5.50 -15.73
N LYS A 171 23.66 6.32 -14.70
CA LYS A 171 24.61 6.44 -13.59
C LYS A 171 24.69 5.17 -12.74
N PHE A 172 23.59 4.43 -12.64
CA PHE A 172 23.60 3.17 -11.87
C PHE A 172 24.34 2.05 -12.62
N VAL A 173 24.25 2.06 -13.95
CA VAL A 173 24.88 1.04 -14.76
C VAL A 173 26.40 1.27 -14.82
N GLU A 174 26.81 2.54 -14.91
CA GLU A 174 28.23 2.92 -14.87
C GLU A 174 28.92 2.57 -13.53
N THR A 175 28.35 3.06 -12.43
CA THR A 175 28.98 2.96 -11.11
C THR A 175 28.62 1.72 -10.29
N SER A 176 27.44 1.18 -10.50
CA SER A 176 26.91 0.12 -9.64
C SER A 176 26.83 0.51 -8.17
N ARG A 177 26.67 1.81 -7.87
CA ARG A 177 26.49 2.28 -6.48
C ARG A 177 25.10 2.91 -6.31
N PHE A 178 24.13 2.10 -5.90
CA PHE A 178 22.76 2.56 -5.95
C PHE A 178 22.48 3.68 -4.93
N ASP A 179 23.04 3.55 -3.73
CA ASP A 179 22.86 4.54 -2.67
C ASP A 179 23.37 5.93 -3.09
N HIS A 180 24.48 5.94 -3.82
CA HIS A 180 25.04 7.17 -4.40
C HIS A 180 24.10 7.71 -5.48
N VAL A 181 23.49 6.82 -6.26
CA VAL A 181 22.49 7.20 -7.26
C VAL A 181 21.21 7.75 -6.60
N MET A 182 20.80 7.17 -5.48
CA MET A 182 19.61 7.62 -4.76
C MET A 182 19.79 9.07 -4.29
N ASN A 183 20.93 9.31 -3.66
CA ASN A 183 21.25 10.63 -3.12
C ASN A 183 21.31 11.70 -4.19
N GLU A 184 21.90 11.39 -5.36
CA GLU A 184 21.93 12.37 -6.47
C GLU A 184 20.55 12.60 -7.17
N PHE A 185 19.68 11.60 -7.14
CA PHE A 185 18.51 11.63 -8.03
C PHE A 185 17.15 11.63 -7.34
N ASN A 186 17.10 11.31 -6.04
CA ASN A 186 15.84 11.48 -5.32
C ASN A 186 15.47 12.94 -5.27
N GLY A 187 14.23 13.24 -5.56
CA GLY A 187 13.74 14.60 -5.45
C GLY A 187 12.79 14.98 -6.56
N GLU A 188 12.96 16.19 -7.06
CA GLU A 188 12.13 16.72 -8.11
C GLU A 188 13.02 17.25 -9.20
N VAL A 189 12.52 17.30 -10.41
CA VAL A 189 13.26 18.00 -11.47
C VAL A 189 12.94 19.48 -11.31
N LYS A 190 13.81 20.34 -11.85
CA LYS A 190 13.56 21.78 -11.77
C LYS A 190 12.35 22.11 -12.66
N LEU A 191 11.30 22.65 -12.06
CA LEU A 191 10.13 23.03 -12.84
C LEU A 191 10.43 24.22 -13.78
N GLU A 192 9.86 24.15 -14.98
CA GLU A 192 9.98 25.16 -16.05
C GLU A 192 9.14 26.41 -15.76
N HIS A 193 9.82 27.52 -15.47
CA HIS A 193 9.16 28.78 -15.14
C HIS A 193 9.61 29.90 -16.08
N HIS A 194 8.65 30.60 -16.67
CA HIS A 194 8.90 31.85 -17.39
C HIS A 194 8.74 33.07 -16.47
N HIS A 195 9.39 34.15 -16.87
CA HIS A 195 9.27 35.46 -16.22
C HIS A 195 7.83 35.90 -15.87
N HIS A 196 6.90 35.67 -16.79
CA HIS A 196 5.52 36.11 -16.61
C HIS A 196 4.72 35.28 -15.59
N HIS A 197 5.27 34.13 -15.18
CA HIS A 197 4.63 33.33 -14.13
C HIS A 197 4.72 33.96 -12.77
N HIS A 198 5.73 34.80 -12.57
CA HIS A 198 5.89 35.56 -11.35
C HIS A 198 5.17 36.91 -11.44
N MET B 1 7.08 -9.86 12.64
CA MET B 1 5.89 -9.35 11.87
C MET B 1 4.75 -8.86 12.78
N LYS B 2 4.43 -7.58 12.65
CA LYS B 2 3.29 -6.98 13.35
C LYS B 2 1.98 -7.43 12.73
N CYS B 3 1.00 -7.71 13.58
CA CYS B 3 -0.30 -8.21 13.15
C CYS B 3 -1.45 -7.30 13.62
N ILE B 4 -2.14 -6.67 12.67
CA ILE B 4 -3.25 -5.78 12.96
C ILE B 4 -4.58 -6.42 12.58
N VAL B 5 -5.43 -6.68 13.56
CA VAL B 5 -6.72 -7.32 13.30
C VAL B 5 -7.88 -6.35 13.57
N GLY B 6 -8.80 -6.25 12.62
CA GLY B 6 -10.03 -5.50 12.81
C GLY B 6 -11.19 -6.44 12.91
N LEU B 7 -12.02 -6.29 13.93
CA LEU B 7 -13.14 -7.19 14.08
C LEU B 7 -14.38 -6.61 13.42
N GLY B 8 -15.23 -7.50 12.91
CA GLY B 8 -16.50 -7.10 12.34
C GLY B 8 -17.18 -8.25 11.63
N ASN B 9 -18.29 -7.96 10.97
CA ASN B 9 -19.01 -8.94 10.16
C ASN B 9 -18.92 -8.62 8.68
N ILE B 10 -18.64 -9.65 7.90
CA ILE B 10 -18.55 -9.54 6.46
C ILE B 10 -19.94 -9.39 5.81
N GLY B 11 -20.01 -8.64 4.74
CA GLY B 11 -21.24 -8.44 4.00
C GLY B 11 -21.61 -6.98 3.94
N LYS B 12 -22.18 -6.58 2.80
CA LYS B 12 -22.67 -5.23 2.59
C LYS B 12 -23.60 -4.72 3.72
N ARG B 13 -24.50 -5.55 4.20
CA ARG B 13 -25.45 -5.09 5.20
C ARG B 13 -24.82 -4.75 6.56
N PHE B 14 -23.55 -5.12 6.78
CA PHE B 14 -22.82 -4.79 8.03
C PHE B 14 -21.84 -3.64 7.89
N GLU B 15 -21.81 -3.05 6.70
CA GLU B 15 -20.91 -1.93 6.42
C GLU B 15 -21.34 -0.75 7.24
N LEU B 16 -20.38 -0.13 7.91
CA LEU B 16 -20.64 1.00 8.78
C LEU B 16 -21.56 0.67 9.94
N THR B 17 -21.73 -0.59 10.27
CA THR B 17 -22.51 -0.94 11.47
C THR B 17 -21.58 -0.78 12.65
N ARG B 18 -22.16 -0.56 13.82
CA ARG B 18 -21.36 -0.20 14.99
C ARG B 18 -20.40 -1.30 15.37
N HIS B 19 -20.82 -2.53 15.19
CA HIS B 19 -20.00 -3.69 15.50
C HIS B 19 -18.83 -3.85 14.53
N ASN B 20 -18.79 -3.06 13.47
CA ASN B 20 -17.76 -3.16 12.45
C ASN B 20 -16.76 -2.06 12.50
N ILE B 21 -16.72 -1.31 13.58
CA ILE B 21 -15.78 -0.21 13.70
C ILE B 21 -14.30 -0.63 13.48
N GLY B 22 -13.92 -1.83 13.91
CA GLY B 22 -12.54 -2.32 13.70
C GLY B 22 -12.19 -2.54 12.22
N PHE B 23 -13.14 -3.10 11.46
CA PHE B 23 -13.04 -3.19 9.96
C PHE B 23 -12.84 -1.81 9.34
N GLU B 24 -13.62 -0.83 9.77
CA GLU B 24 -13.50 0.51 9.19
C GLU B 24 -12.15 1.14 9.46
N VAL B 25 -11.57 0.85 10.62
CA VAL B 25 -10.24 1.35 10.88
C VAL B 25 -9.22 0.68 9.96
N VAL B 26 -9.31 -0.63 9.82
CA VAL B 26 -8.36 -1.35 8.98
C VAL B 26 -8.51 -0.92 7.54
N ASP B 27 -9.75 -0.82 7.05
CA ASP B 27 -10.01 -0.31 5.71
C ASP B 27 -9.43 1.09 5.47
N TYR B 28 -9.55 1.98 6.44
CA TYR B 28 -8.97 3.31 6.30
C TYR B 28 -7.44 3.26 6.14
N ILE B 29 -6.78 2.50 7.02
CA ILE B 29 -5.34 2.28 6.92
C ILE B 29 -4.97 1.70 5.53
N LEU B 30 -5.70 0.68 5.10
CA LEU B 30 -5.43 0.10 3.81
C LEU B 30 -5.60 1.13 2.69
N GLU B 31 -6.74 1.79 2.65
CA GLU B 31 -7.03 2.73 1.58
C GLU B 31 -6.00 3.86 1.49
N LYS B 32 -5.58 4.42 2.62
CA LYS B 32 -4.65 5.55 2.51
C LYS B 32 -3.23 5.12 2.19
N ASN B 33 -2.95 3.82 2.26
CA ASN B 33 -1.69 3.28 1.75
C ASN B 33 -1.81 2.62 0.35
N ASN B 34 -3.00 2.66 -0.23
N ASN B 34 -3.02 2.67 -0.22
CA ASN B 34 -3.30 1.99 -1.50
CA ASN B 34 -3.36 1.97 -1.46
C ASN B 34 -3.19 0.45 -1.44
C ASN B 34 -3.09 0.46 -1.42
N PHE B 35 -3.28 -0.13 -0.24
CA PHE B 35 -3.24 -1.56 -0.08
C PHE B 35 -4.68 -2.08 -0.17
N SER B 36 -4.81 -3.39 -0.23
CA SER B 36 -6.12 -4.03 -0.18
C SER B 36 -5.98 -5.42 0.41
N LEU B 37 -7.08 -5.98 0.86
CA LEU B 37 -7.09 -7.35 1.36
C LEU B 37 -7.11 -8.31 0.16
N ASP B 38 -5.93 -8.67 -0.31
CA ASP B 38 -5.79 -9.39 -1.56
C ASP B 38 -5.65 -10.90 -1.37
N LYS B 39 -5.63 -11.36 -0.13
CA LYS B 39 -5.47 -12.76 0.15
C LYS B 39 -6.56 -13.25 1.07
N GLN B 40 -6.72 -14.55 1.07
CA GLN B 40 -7.75 -15.19 1.83
C GLN B 40 -7.28 -16.59 2.19
N LYS B 41 -7.31 -16.90 3.48
CA LYS B 41 -6.96 -18.21 3.98
C LYS B 41 -7.57 -18.37 5.38
N PHE B 42 -8.00 -19.60 5.68
CA PHE B 42 -8.56 -19.98 6.98
C PHE B 42 -9.74 -19.13 7.40
N LYS B 43 -10.54 -18.74 6.40
CA LYS B 43 -11.75 -17.95 6.57
C LYS B 43 -11.43 -16.52 7.06
N GLY B 44 -10.24 -16.04 6.73
CA GLY B 44 -9.87 -14.64 6.98
C GLY B 44 -9.32 -13.93 5.74
N ALA B 45 -9.79 -12.71 5.51
CA ALA B 45 -9.24 -11.85 4.49
C ALA B 45 -8.00 -11.15 5.06
N TYR B 46 -6.94 -11.08 4.28
CA TYR B 46 -5.70 -10.50 4.75
C TYR B 46 -4.82 -9.99 3.65
N THR B 47 -3.78 -9.27 4.08
CA THR B 47 -2.72 -8.79 3.20
C THR B 47 -1.45 -8.60 4.00
N ILE B 48 -0.31 -8.72 3.32
CA ILE B 48 1.01 -8.50 3.94
C ILE B 48 1.76 -7.44 3.16
N GLU B 49 2.17 -6.39 3.86
CA GLU B 49 2.86 -5.29 3.22
C GLU B 49 4.00 -4.82 4.08
N ARG B 50 5.11 -4.52 3.45
CA ARG B 50 6.24 -3.92 4.12
C ARG B 50 5.94 -2.45 4.39
N MET B 51 6.02 -2.05 5.65
CA MET B 51 5.94 -0.64 6.08
C MET B 51 7.09 -0.37 7.03
N ASN B 52 7.71 0.80 6.87
CA ASN B 52 8.92 1.16 7.61
C ASN B 52 9.98 0.02 7.67
N GLY B 53 10.20 -0.64 6.54
CA GLY B 53 11.17 -1.74 6.46
C GLY B 53 10.72 -3.12 6.94
N ASP B 54 9.57 -3.20 7.61
CA ASP B 54 9.11 -4.46 8.19
C ASP B 54 7.73 -4.86 7.68
N LYS B 55 7.55 -6.16 7.51
CA LYS B 55 6.32 -6.69 6.97
C LYS B 55 5.26 -6.54 8.02
N VAL B 56 4.05 -6.19 7.58
CA VAL B 56 2.89 -6.02 8.47
C VAL B 56 1.74 -6.81 7.88
N LEU B 57 1.12 -7.64 8.72
CA LEU B 57 -0.02 -8.44 8.37
C LEU B 57 -1.28 -7.79 8.89
N PHE B 58 -2.26 -7.62 7.99
CA PHE B 58 -3.60 -7.09 8.28
C PHE B 58 -4.64 -8.16 8.09
N ILE B 59 -5.58 -8.29 9.03
CA ILE B 59 -6.61 -9.30 8.96
C ILE B 59 -8.00 -8.79 9.28
N GLU B 60 -8.95 -9.13 8.41
CA GLU B 60 -10.37 -9.03 8.70
C GLU B 60 -10.99 -10.43 8.58
N PRO B 61 -11.39 -11.06 9.69
CA PRO B 61 -11.98 -12.41 9.59
C PRO B 61 -13.27 -12.45 8.79
N MET B 62 -13.48 -13.55 8.09
CA MET B 62 -14.70 -13.76 7.27
C MET B 62 -15.62 -14.79 7.95
N THR B 63 -15.19 -15.24 9.11
CA THR B 63 -16.03 -15.97 10.04
C THR B 63 -16.95 -14.87 10.38
N MET B 64 -17.99 -15.11 11.14
CA MET B 64 -18.71 -13.95 11.69
C MET B 64 -18.05 -13.52 13.02
N MET B 65 -18.54 -12.44 13.61
CA MET B 65 -17.92 -11.89 14.83
C MET B 65 -17.61 -12.93 15.92
N ASN B 66 -18.61 -13.71 16.28
CA ASN B 66 -18.50 -14.68 17.37
C ASN B 66 -17.45 -15.77 17.12
N LEU B 67 -17.02 -15.94 15.88
CA LEU B 67 -16.00 -16.92 15.50
C LEU B 67 -14.65 -16.35 15.04
N SER B 68 -14.38 -15.07 15.32
CA SER B 68 -13.22 -14.38 14.75
C SER B 68 -11.90 -15.09 15.01
N GLY B 69 -11.78 -15.70 16.19
CA GLY B 69 -10.57 -16.45 16.55
C GLY B 69 -10.26 -17.60 15.61
N GLU B 70 -11.30 -18.16 15.00
CA GLU B 70 -11.14 -19.32 14.12
C GLU B 70 -10.39 -18.99 12.83
N ALA B 71 -10.37 -17.70 12.44
CA ALA B 71 -9.52 -17.23 11.36
C ALA B 71 -8.16 -16.70 11.87
N VAL B 72 -8.17 -15.97 12.98
CA VAL B 72 -6.97 -15.28 13.45
C VAL B 72 -5.86 -16.23 13.90
N ALA B 73 -6.19 -17.21 14.74
CA ALA B 73 -5.19 -18.16 15.27
C ALA B 73 -4.52 -18.98 14.18
N PRO B 74 -5.31 -19.58 13.24
CA PRO B 74 -4.61 -20.27 12.15
C PRO B 74 -3.72 -19.38 11.28
N ILE B 75 -4.18 -18.16 10.98
CA ILE B 75 -3.38 -17.24 10.15
C ILE B 75 -2.09 -16.87 10.90
N MET B 76 -2.19 -16.56 12.20
CA MET B 76 -1.02 -16.26 13.02
C MET B 76 -0.03 -17.43 13.11
N ASP B 77 -0.56 -18.64 13.23
CA ASP B 77 0.26 -19.85 13.29
C ASP B 77 0.98 -20.04 11.98
N TYR B 78 0.23 -19.96 10.90
CA TYR B 78 0.76 -20.07 9.55
C TYR B 78 1.90 -19.09 9.27
N TYR B 79 1.82 -17.88 9.80
CA TYR B 79 2.88 -16.85 9.59
C TYR B 79 3.84 -16.70 10.79
N ASN B 80 3.77 -17.63 11.74
CA ASN B 80 4.58 -17.58 12.96
C ASN B 80 4.48 -16.26 13.71
N VAL B 81 3.28 -15.73 13.87
CA VAL B 81 3.07 -14.47 14.58
C VAL B 81 2.89 -14.68 16.08
N ASN B 82 3.75 -14.02 16.83
CA ASN B 82 3.73 -13.98 18.28
C ASN B 82 2.57 -13.10 18.77
N PRO B 83 1.81 -13.55 19.78
CA PRO B 83 0.74 -12.67 20.25
C PRO B 83 1.18 -11.27 20.69
N GLU B 84 2.43 -11.09 21.08
CA GLU B 84 2.95 -9.77 21.47
C GLU B 84 3.00 -8.78 20.31
N ASP B 85 2.94 -9.29 19.08
CA ASP B 85 2.93 -8.46 17.87
C ASP B 85 1.50 -8.20 17.34
N LEU B 86 0.51 -8.64 18.09
CA LEU B 86 -0.88 -8.51 17.72
C LEU B 86 -1.54 -7.27 18.33
N ILE B 87 -2.23 -6.48 17.51
CA ILE B 87 -3.21 -5.49 18.01
C ILE B 87 -4.58 -5.74 17.39
N VAL B 88 -5.60 -5.79 18.23
CA VAL B 88 -6.97 -6.00 17.79
C VAL B 88 -7.77 -4.71 17.99
N LEU B 89 -8.55 -4.35 16.97
CA LEU B 89 -9.38 -3.17 16.98
C LEU B 89 -10.84 -3.58 17.02
N TYR B 90 -11.59 -3.04 17.95
CA TYR B 90 -13.00 -3.40 18.05
C TYR B 90 -13.84 -2.36 18.78
N ASP B 91 -15.15 -2.59 18.74
CA ASP B 91 -16.14 -1.69 19.33
C ASP B 91 -16.41 -1.94 20.84
N ASP B 92 -16.46 -0.86 21.62
CA ASP B 92 -16.82 -0.94 23.05
C ASP B 92 -18.08 -0.11 23.41
N LEU B 93 -19.16 -0.82 23.72
CA LEU B 93 -20.41 -0.22 24.24
C LEU B 93 -20.23 0.69 25.45
N ASP B 94 -19.29 0.31 26.32
CA ASP B 94 -19.11 0.97 27.62
C ASP B 94 -18.24 2.22 27.54
N LEU B 95 -17.82 2.57 26.33
CA LEU B 95 -17.18 3.84 26.08
C LEU B 95 -18.05 4.64 25.16
N GLU B 96 -17.98 5.96 25.31
CA GLU B 96 -18.77 6.85 24.49
C GLU B 96 -18.06 7.13 23.17
N GLN B 97 -18.87 7.37 22.14
CA GLN B 97 -18.31 7.78 20.86
C GLN B 97 -17.46 9.00 21.08
N GLY B 98 -16.24 8.95 20.53
CA GLY B 98 -15.24 9.97 20.74
C GLY B 98 -14.13 9.44 21.62
N GLN B 99 -14.40 8.40 22.40
CA GLN B 99 -13.37 7.82 23.29
C GLN B 99 -12.68 6.59 22.67
N VAL B 100 -11.38 6.47 22.93
CA VAL B 100 -10.63 5.26 22.66
C VAL B 100 -9.79 4.90 23.88
N ARG B 101 -9.63 3.59 24.10
CA ARG B 101 -8.77 3.08 25.16
C ARG B 101 -7.80 2.04 24.56
N LEU B 102 -6.52 2.28 24.77
CA LEU B 102 -5.47 1.36 24.35
C LEU B 102 -4.89 0.64 25.57
N ARG B 103 -4.76 -0.68 25.49
CA ARG B 103 -4.24 -1.50 26.56
C ARG B 103 -3.36 -2.62 26.03
N GLN B 104 -2.45 -3.04 26.89
CA GLN B 104 -1.45 -4.05 26.58
C GLN B 104 -2.04 -5.46 26.67
N LYS B 105 -3.13 -5.61 27.39
CA LYS B 105 -3.65 -6.93 27.70
C LYS B 105 -4.97 -6.72 28.39
N GLY B 106 -5.63 -7.81 28.80
CA GLY B 106 -6.95 -7.72 29.46
C GLY B 106 -7.98 -8.72 28.96
N SER B 107 -9.08 -8.85 29.71
CA SER B 107 -10.20 -9.71 29.35
C SER B 107 -10.99 -9.19 28.14
N ALA B 108 -11.99 -9.96 27.72
CA ALA B 108 -12.84 -9.59 26.58
C ALA B 108 -13.79 -8.44 26.85
N GLY B 109 -14.06 -8.17 28.14
CA GLY B 109 -14.96 -7.10 28.57
C GLY B 109 -16.37 -7.32 28.04
N GLY B 110 -16.72 -8.59 27.84
CA GLY B 110 -18.03 -8.99 27.28
C GLY B 110 -18.17 -9.07 25.76
N HIS B 111 -17.14 -8.65 25.02
CA HIS B 111 -17.18 -8.60 23.58
C HIS B 111 -16.89 -9.98 22.98
N ASN B 112 -17.81 -10.48 22.16
CA ASN B 112 -17.74 -11.87 21.68
C ASN B 112 -16.60 -12.18 20.71
N GLY B 113 -16.21 -11.18 19.93
CA GLY B 113 -15.08 -11.31 19.02
C GLY B 113 -13.79 -11.53 19.75
N MET B 114 -13.63 -10.76 20.81
CA MET B 114 -12.47 -10.84 21.69
C MET B 114 -12.43 -12.18 22.43
N LYS B 115 -13.58 -12.63 22.95
CA LYS B 115 -13.66 -13.96 23.62
C LYS B 115 -13.23 -15.10 22.73
N SER B 116 -13.61 -15.01 21.45
CA SER B 116 -13.27 -16.04 20.48
C SER B 116 -11.80 -16.02 20.18
N ILE B 117 -11.20 -14.83 20.10
CA ILE B 117 -9.77 -14.68 19.89
C ILE B 117 -8.96 -15.15 21.10
N ILE B 118 -9.39 -14.75 22.30
CA ILE B 118 -8.76 -15.18 23.52
C ILE B 118 -8.80 -16.73 23.63
N LYS B 119 -9.94 -17.31 23.30
CA LYS B 119 -10.12 -18.75 23.36
C LYS B 119 -9.17 -19.46 22.39
N MET B 120 -9.12 -19.02 21.14
CA MET B 120 -8.29 -19.71 20.15
C MET B 120 -6.79 -19.46 20.32
N LEU B 121 -6.39 -18.30 20.84
CA LEU B 121 -4.96 -18.06 21.08
C LEU B 121 -4.53 -18.71 22.39
N GLY B 122 -5.50 -18.92 23.29
CA GLY B 122 -5.22 -19.46 24.62
C GLY B 122 -4.54 -18.43 25.51
N THR B 123 -4.76 -17.15 25.20
CA THR B 123 -4.20 -16.06 26.01
C THR B 123 -4.98 -14.75 25.79
N ASP B 124 -5.01 -13.93 26.84
CA ASP B 124 -5.53 -12.57 26.74
C ASP B 124 -4.40 -11.55 26.85
N GLN B 125 -3.17 -12.02 26.69
CA GLN B 125 -2.01 -11.16 26.78
C GLN B 125 -1.63 -10.60 25.42
N PHE B 126 -2.44 -9.67 24.93
CA PHE B 126 -2.23 -9.04 23.65
C PHE B 126 -2.87 -7.66 23.63
N LYS B 127 -2.27 -6.78 22.85
CA LYS B 127 -2.66 -5.40 22.76
C LYS B 127 -4.00 -5.23 22.05
N ARG B 128 -4.72 -4.17 22.43
CA ARG B 128 -6.02 -3.85 21.85
C ARG B 128 -6.39 -2.38 21.95
N ILE B 129 -7.17 -1.99 20.95
CA ILE B 129 -7.71 -0.64 20.86
C ILE B 129 -9.23 -0.76 20.92
N ARG B 130 -9.82 -0.34 22.04
CA ARG B 130 -11.27 -0.30 22.24
C ARG B 130 -11.81 1.03 21.72
N ILE B 131 -12.78 0.99 20.82
CA ILE B 131 -13.30 2.21 20.22
C ILE B 131 -14.72 2.37 20.71
N GLY B 132 -15.00 3.47 21.39
CA GLY B 132 -16.34 3.68 21.96
C GLY B 132 -17.37 3.84 20.87
N VAL B 133 -18.45 3.06 20.98
CA VAL B 133 -19.63 3.24 20.10
C VAL B 133 -20.91 3.62 20.87
N GLY B 134 -20.80 3.75 22.19
CA GLY B 134 -21.93 4.16 23.02
C GLY B 134 -22.88 3.05 23.36
N ARG B 135 -23.82 3.39 24.25
CA ARG B 135 -24.86 2.49 24.73
C ARG B 135 -26.11 2.71 23.86
N PRO B 136 -26.97 1.68 23.71
CA PRO B 136 -28.15 1.78 22.83
C PRO B 136 -29.14 2.89 23.15
N ASN B 138 -32.51 3.88 23.76
CA ASN B 138 -33.97 4.01 23.84
C ASN B 138 -34.69 2.72 23.46
N GLY B 139 -34.68 1.74 24.37
CA GLY B 139 -35.44 0.49 24.20
C GLY B 139 -35.00 -0.42 23.04
N MET B 140 -33.68 -0.44 22.79
CA MET B 140 -33.06 -1.32 21.78
C MET B 140 -32.24 -2.41 22.45
N THR B 141 -32.30 -3.63 21.91
CA THR B 141 -31.41 -4.68 22.37
C THR B 141 -29.95 -4.37 21.97
N VAL B 142 -29.01 -5.02 22.63
CA VAL B 142 -27.60 -4.85 22.30
C VAL B 142 -27.30 -5.31 20.86
N PRO B 143 -27.76 -6.51 20.47
CA PRO B 143 -27.54 -6.94 19.09
C PRO B 143 -28.10 -6.00 18.03
N ASP B 144 -29.31 -5.46 18.25
CA ASP B 144 -29.90 -4.52 17.29
C ASP B 144 -29.13 -3.20 17.19
N TYR B 145 -28.57 -2.76 18.31
CA TYR B 145 -27.79 -1.53 18.30
C TYR B 145 -26.44 -1.76 17.60
N VAL B 146 -25.72 -2.82 17.95
CA VAL B 146 -24.37 -3.05 17.40
C VAL B 146 -24.41 -3.47 15.93
N LEU B 147 -25.53 -4.04 15.48
CA LEU B 147 -25.70 -4.46 14.08
C LEU B 147 -26.44 -3.43 13.23
N GLN B 148 -26.69 -2.26 13.79
CA GLN B 148 -27.31 -1.16 13.04
C GLN B 148 -26.26 -0.17 12.56
N ARG B 149 -26.59 0.53 11.51
CA ARG B 149 -25.69 1.44 10.84
C ARG B 149 -25.59 2.75 11.60
N PHE B 150 -24.37 3.22 11.80
CA PHE B 150 -24.12 4.55 12.32
C PHE B 150 -24.88 5.54 11.49
N SER B 151 -25.57 6.47 12.14
CA SER B 151 -26.27 7.54 11.45
C SER B 151 -25.23 8.50 10.95
N ASN B 152 -25.63 9.33 9.98
CA ASN B 152 -24.78 10.40 9.48
C ASN B 152 -24.30 11.31 10.61
N ASP B 153 -25.20 11.57 11.56
CA ASP B 153 -24.90 12.39 12.74
C ASP B 153 -23.75 11.77 13.55
N GLU B 154 -23.87 10.48 13.87
CA GLU B 154 -22.81 9.74 14.55
C GLU B 154 -21.46 9.81 13.82
N MET B 155 -21.49 9.74 12.48
CA MET B 155 -20.25 9.75 11.65
C MET B 155 -19.46 11.04 11.68
N VAL B 156 -20.10 12.13 12.07
CA VAL B 156 -19.36 13.38 12.27
C VAL B 156 -18.25 13.14 13.33
N THR B 157 -18.53 12.36 14.36
CA THR B 157 -17.55 12.03 15.37
C THR B 157 -16.73 10.80 14.95
N MET B 158 -17.40 9.75 14.50
CA MET B 158 -16.74 8.47 14.25
C MET B 158 -15.69 8.58 13.15
N GLU B 159 -15.93 9.45 12.17
CA GLU B 159 -14.92 9.70 11.13
C GLU B 159 -13.60 10.12 11.73
N LYS B 160 -13.65 10.94 12.78
CA LYS B 160 -12.43 11.44 13.42
C LYS B 160 -11.81 10.38 14.31
N VAL B 161 -12.65 9.60 14.93
CA VAL B 161 -12.19 8.47 15.72
C VAL B 161 -11.44 7.46 14.84
N ILE B 162 -11.97 7.20 13.65
CA ILE B 162 -11.36 6.27 12.71
C ILE B 162 -9.99 6.75 12.33
N GLU B 163 -9.87 8.04 12.04
CA GLU B 163 -8.60 8.63 11.65
C GLU B 163 -7.58 8.63 12.79
N HIS B 164 -8.04 8.94 13.98
CA HIS B 164 -7.23 8.89 15.20
C HIS B 164 -6.69 7.47 15.46
N ALA B 165 -7.56 6.48 15.50
CA ALA B 165 -7.14 5.07 15.66
C ALA B 165 -6.16 4.60 14.59
N ALA B 166 -6.40 4.97 13.34
CA ALA B 166 -5.46 4.71 12.25
C ALA B 166 -4.08 5.27 12.51
N ARG B 167 -4.00 6.54 12.96
CA ARG B 167 -2.72 7.14 13.36
C ARG B 167 -2.05 6.38 14.50
N ALA B 168 -2.84 5.88 15.44
CA ALA B 168 -2.28 5.10 16.55
C ALA B 168 -1.56 3.86 16.01
N ILE B 169 -2.22 3.16 15.10
CA ILE B 169 -1.61 2.02 14.40
C ILE B 169 -0.38 2.43 13.59
N GLU B 170 -0.47 3.52 12.86
CA GLU B 170 0.70 4.00 12.11
C GLU B 170 1.88 4.33 13.03
N LYS B 171 1.60 4.85 14.23
CA LYS B 171 2.66 5.14 15.17
C LYS B 171 3.31 3.88 15.70
N PHE B 172 2.49 2.87 15.96
CA PHE B 172 3.02 1.59 16.41
C PHE B 172 3.95 0.96 15.37
N VAL B 173 3.59 1.09 14.10
CA VAL B 173 4.39 0.58 13.01
C VAL B 173 5.67 1.43 12.87
N GLU B 174 5.57 2.74 13.02
CA GLU B 174 6.74 3.62 12.93
C GLU B 174 7.73 3.46 14.11
N THR B 175 7.22 3.23 15.32
CA THR B 175 8.04 3.24 16.56
C THR B 175 8.24 1.91 17.27
N SER B 176 7.30 0.96 17.07
CA SER B 176 7.31 -0.32 17.80
C SER B 176 7.22 -0.14 19.32
N ARG B 177 6.64 0.97 19.76
CA ARG B 177 6.53 1.29 21.19
C ARG B 177 5.08 1.49 21.53
N PHE B 178 4.40 0.42 21.93
CA PHE B 178 2.98 0.51 22.21
C PHE B 178 2.71 1.40 23.45
N ASP B 179 3.64 1.40 24.41
CA ASP B 179 3.50 2.21 25.60
C ASP B 179 3.43 3.71 25.26
N HIS B 180 4.21 4.14 24.27
CA HIS B 180 4.15 5.50 23.76
C HIS B 180 2.93 5.79 22.88
N VAL B 181 2.34 4.74 22.31
CA VAL B 181 1.14 4.90 21.52
C VAL B 181 -0.01 5.11 22.49
N MET B 182 -0.02 4.33 23.56
CA MET B 182 -1.00 4.51 24.62
C MET B 182 -1.04 5.95 25.16
N ASN B 183 0.13 6.48 25.50
CA ASN B 183 0.27 7.85 26.03
C ASN B 183 -0.27 8.91 25.10
N GLU B 184 0.09 8.79 23.83
CA GLU B 184 -0.36 9.73 22.81
C GLU B 184 -1.84 9.59 22.45
N PHE B 185 -2.37 8.36 22.35
CA PHE B 185 -3.72 8.15 21.74
C PHE B 185 -4.81 7.75 22.73
N ASN B 186 -4.48 7.46 23.99
CA ASN B 186 -5.55 7.24 24.97
C ASN B 186 -6.31 8.54 25.21
N GLY B 187 -7.62 8.44 25.29
CA GLY B 187 -8.43 9.57 25.66
C GLY B 187 -9.59 9.79 24.72
N GLU B 188 -9.72 10.98 24.20
CA GLU B 188 -10.85 11.31 23.36
C GLU B 188 -10.43 12.21 22.22
N VAL B 189 -11.21 12.14 21.16
CA VAL B 189 -10.99 13.01 20.02
C VAL B 189 -11.70 14.34 20.27
N LYS B 190 -11.07 15.43 19.86
CA LYS B 190 -11.63 16.79 20.03
C LYS B 190 -12.76 16.99 19.04
N LEU B 191 -13.93 17.41 19.49
CA LEU B 191 -14.98 17.72 18.52
C LEU B 191 -15.08 19.21 18.30
N GLU B 192 -14.45 19.73 17.25
CA GLU B 192 -14.53 21.17 16.96
C GLU B 192 -15.87 21.51 16.25
N HIS B 193 -16.68 22.28 16.98
CA HIS B 193 -18.10 22.60 16.76
C HIS B 193 -18.32 23.90 15.98
N HIS B 194 -19.57 24.13 15.59
CA HIS B 194 -19.99 25.33 14.84
C HIS B 194 -20.26 26.52 15.77
N HIS B 195 -20.16 27.73 15.22
CA HIS B 195 -20.43 28.98 15.93
C HIS B 195 -21.86 29.04 16.55
N HIS B 196 -22.86 28.56 15.84
CA HIS B 196 -24.23 28.58 16.35
C HIS B 196 -24.52 27.60 17.49
N HIS B 197 -23.58 26.70 17.82
CA HIS B 197 -23.76 25.72 18.90
C HIS B 197 -23.62 26.37 20.27
N HIS B 198 -22.94 27.50 20.33
CA HIS B 198 -22.71 28.21 21.58
C HIS B 198 -23.90 29.11 21.93
#